data_9C5G
#
_entry.id   9C5G
#
_cell.length_a   77.955
_cell.length_b   62.008
_cell.length_c   82.335
_cell.angle_alpha   90.000
_cell.angle_beta   93.481
_cell.angle_gamma   90.000
#
_symmetry.space_group_name_H-M   'P 1 21 1'
#
loop_
_entity.id
_entity.type
_entity.pdbx_description
1 polymer CapW
2 polymer "DNA (5'-D(P*TP*TP*T)-3')"
3 non-polymer 'SULFATE ION'
4 water water
#
loop_
_entity_poly.entity_id
_entity_poly.type
_entity_poly.pdbx_seq_one_letter_code
_entity_poly.pdbx_strand_id
1 'polypeptide(L)'
;SNATDEKRPWMQNRRFEFIEWKLFWEGALNRSDLEETFEISTPQTSIDLRRYRELAGDNIEYDATDKTFKPTKGMKPSFL
KVSADRLLLQLRALLTGALPRKEIWFREMPPMDMAPDIVRNVDPECLRLVLEAIRLKRSVEVRYQSLTNSRVREIAPHAL
AFDGYRWHVRAWACDRDDFRDFVLTRIDDIKPGSLANYDPEDDVEWTTVVTLDLRPHPGLTEEQALAIQRDYSMSDGMRK
IDVRLSMAYYFIMRMNLDLEDLPPARAQLSLHNISDIRKSISEAKSESKRRIIARQNKD
;
A,B
2 'polydeoxyribonucleotide' (DT)(DT)(DT)(DT)(DT)(DT)(DT) C,D
#
loop_
_chem_comp.id
_chem_comp.type
_chem_comp.name
_chem_comp.formula
DT DNA linking THYMIDINE-5'-MONOPHOSPHATE 'C10 H15 N2 O8 P'
SO4 non-polymer 'SULFATE ION' 'O4 S -2'
#
# COMPACT_ATOMS: atom_id res chain seq x y z
N MET A 11 -26.28 -0.30 10.49
CA MET A 11 -25.42 0.04 11.61
C MET A 11 -25.30 -1.11 12.60
N GLN A 12 -26.41 -1.79 12.87
CA GLN A 12 -26.42 -2.90 13.83
C GLN A 12 -25.73 -4.12 13.26
N ASN A 13 -25.95 -4.41 11.97
CA ASN A 13 -25.22 -5.49 11.31
C ASN A 13 -23.73 -5.27 11.37
N ARG A 14 -23.30 -4.01 11.23
CA ARG A 14 -21.89 -3.71 11.42
C ARG A 14 -21.42 -4.02 12.83
N ARG A 15 -22.27 -3.79 13.81
CA ARG A 15 -21.94 -4.18 15.17
C ARG A 15 -21.86 -5.70 15.33
N PHE A 16 -22.68 -6.46 14.60
CA PHE A 16 -22.56 -7.93 14.66
C PHE A 16 -21.32 -8.48 13.95
N GLU A 17 -20.96 -7.95 12.78
CA GLU A 17 -19.66 -8.28 12.20
C GLU A 17 -18.53 -7.96 13.16
N PHE A 18 -18.64 -6.84 13.87
CA PHE A 18 -17.63 -6.50 14.86
C PHE A 18 -17.58 -7.55 15.96
N ILE A 19 -18.73 -7.94 16.47
CA ILE A 19 -18.79 -9.01 17.47
C ILE A 19 -18.03 -10.22 16.95
N GLU A 20 -18.36 -10.65 15.75
CA GLU A 20 -17.74 -11.84 15.17
C GLU A 20 -16.28 -11.62 14.86
N TRP A 21 -15.91 -10.39 14.49
CA TRP A 21 -14.50 -10.10 14.26
C TRP A 21 -13.70 -10.27 15.54
N LYS A 22 -14.24 -9.77 16.65
CA LYS A 22 -13.58 -9.91 17.94
C LYS A 22 -13.52 -11.37 18.36
N LEU A 23 -14.62 -12.10 18.18
CA LEU A 23 -14.64 -13.53 18.50
C LEU A 23 -13.66 -14.34 17.66
N PHE A 24 -13.55 -14.05 16.36
CA PHE A 24 -12.67 -14.83 15.49
C PHE A 24 -11.19 -14.50 15.66
N TRP A 25 -10.81 -13.23 15.49
CA TRP A 25 -9.39 -12.87 15.47
C TRP A 25 -8.79 -12.71 16.86
N GLU A 26 -9.55 -12.18 17.81
CA GLU A 26 -9.05 -11.98 19.18
C GLU A 26 -9.50 -13.05 20.17
N GLY A 27 -10.46 -13.90 19.80
CA GLY A 27 -10.99 -14.95 20.66
C GLY A 27 -11.84 -14.54 21.84
N ALA A 28 -12.16 -13.26 22.01
CA ALA A 28 -12.97 -12.86 23.15
C ALA A 28 -13.66 -11.55 22.81
N LEU A 29 -14.82 -11.35 23.41
CA LEU A 29 -15.55 -10.08 23.27
C LEU A 29 -16.10 -9.62 24.61
N ASN A 30 -15.82 -8.37 24.96
CA ASN A 30 -16.50 -7.72 26.08
C ASN A 30 -17.63 -6.84 25.56
N ARG A 31 -18.64 -6.61 26.41
CA ARG A 31 -19.65 -5.59 26.09
C ARG A 31 -19.02 -4.22 25.90
N SER A 32 -18.01 -3.89 26.71
CA SER A 32 -17.32 -2.61 26.63
C SER A 32 -16.64 -2.40 25.27
N ASP A 33 -16.24 -3.49 24.61
CA ASP A 33 -15.67 -3.36 23.27
C ASP A 33 -16.66 -2.68 22.31
N LEU A 34 -17.92 -3.08 22.37
CA LEU A 34 -18.96 -2.49 21.54
C LEU A 34 -19.23 -1.05 21.94
N GLU A 35 -19.35 -0.78 23.23
CA GLU A 35 -19.63 0.58 23.70
C GLU A 35 -18.52 1.54 23.28
N GLU A 36 -17.27 1.13 23.49
CA GLU A 36 -16.17 2.01 23.16
C GLU A 36 -15.99 2.19 21.65
N THR A 37 -16.07 1.11 20.88
CA THR A 37 -15.82 1.21 19.44
C THR A 37 -16.94 1.93 18.68
N PHE A 38 -18.19 1.72 19.06
CA PHE A 38 -19.35 2.26 18.35
C PHE A 38 -20.13 3.37 19.01
N GLU A 39 -19.69 3.88 20.16
CA GLU A 39 -20.41 4.91 20.89
C GLU A 39 -21.87 4.51 21.18
N ILE A 40 -22.08 3.25 21.60
CA ILE A 40 -23.41 2.76 21.92
C ILE A 40 -23.52 2.63 23.43
N SER A 41 -24.74 2.70 23.94
CA SER A 41 -24.96 2.57 25.38
C SER A 41 -24.94 1.10 25.82
N THR A 42 -24.63 0.91 27.11
CA THR A 42 -24.71 -0.43 27.69
C THR A 42 -26.08 -1.08 27.51
N PRO A 43 -27.20 -0.35 27.63
CA PRO A 43 -28.50 -0.95 27.22
C PRO A 43 -28.49 -1.41 25.78
N GLN A 44 -27.97 -0.59 24.88
CA GLN A 44 -27.91 -0.98 23.48
C GLN A 44 -27.00 -2.18 23.28
N THR A 45 -25.85 -2.20 23.96
CA THR A 45 -24.97 -3.34 23.91
C THR A 45 -25.65 -4.63 24.35
N SER A 46 -26.46 -4.58 25.40
CA SER A 46 -27.18 -5.77 25.84
C SER A 46 -28.24 -6.19 24.82
N ILE A 47 -28.87 -5.22 24.16
CA ILE A 47 -29.79 -5.50 23.08
C ILE A 47 -29.08 -6.16 21.90
N ASP A 48 -27.92 -5.63 21.52
CA ASP A 48 -27.22 -6.17 20.35
C ASP A 48 -26.71 -7.58 20.59
N LEU A 49 -26.15 -7.87 21.76
CA LEU A 49 -25.72 -9.23 22.06
C LEU A 49 -26.88 -10.21 22.11
N ARG A 50 -28.01 -9.79 22.63
CA ARG A 50 -29.17 -10.66 22.62
C ARG A 50 -29.66 -10.90 21.20
N ARG A 51 -29.87 -9.82 20.43
CA ARG A 51 -30.32 -10.02 19.06
C ARG A 51 -29.29 -10.77 18.23
N TYR A 52 -28.01 -10.54 18.49
CA TYR A 52 -26.98 -11.35 17.85
C TYR A 52 -27.08 -12.83 18.22
N ARG A 53 -27.21 -13.12 19.52
CA ARG A 53 -27.36 -14.50 19.95
C ARG A 53 -28.59 -15.15 19.34
N GLU A 54 -29.68 -14.40 19.22
CA GLU A 54 -30.86 -14.96 18.59
C GLU A 54 -30.59 -15.39 17.16
N LEU A 55 -29.76 -14.64 16.44
CA LEU A 55 -29.60 -14.87 15.02
C LEU A 55 -28.41 -15.72 14.61
N ALA A 56 -27.35 -15.77 15.38
CA ALA A 56 -26.20 -16.56 14.97
C ALA A 56 -26.15 -17.87 15.71
N GLY A 57 -27.03 -18.03 16.69
CA GLY A 57 -27.07 -19.24 17.46
C GLY A 57 -25.83 -19.36 18.32
N ASP A 58 -25.32 -20.58 18.40
CA ASP A 58 -24.23 -20.82 19.32
C ASP A 58 -22.88 -20.49 18.68
N ASN A 59 -22.78 -19.28 18.15
CA ASN A 59 -21.55 -18.77 17.57
C ASN A 59 -20.74 -18.10 18.66
N ILE A 60 -21.40 -17.83 19.77
CA ILE A 60 -20.97 -16.96 20.84
C ILE A 60 -21.39 -17.65 22.12
N GLU A 61 -20.55 -17.53 23.14
CA GLU A 61 -20.89 -18.06 24.45
C GLU A 61 -20.41 -17.08 25.52
N TYR A 62 -21.05 -17.10 26.69
CA TYR A 62 -20.64 -16.23 27.79
C TYR A 62 -19.84 -17.02 28.80
N ASP A 63 -18.58 -16.62 28.98
CA ASP A 63 -17.73 -17.15 30.04
C ASP A 63 -17.95 -16.33 31.31
N ALA A 64 -18.58 -16.94 32.31
CA ALA A 64 -18.84 -16.26 33.57
C ALA A 64 -17.56 -16.04 34.33
N THR A 65 -16.53 -16.84 34.05
CA THR A 65 -15.25 -16.71 34.73
C THR A 65 -14.54 -15.43 34.28
N ASP A 66 -14.39 -15.23 32.98
CA ASP A 66 -13.72 -14.04 32.46
C ASP A 66 -14.67 -12.87 32.31
N LYS A 67 -15.97 -13.11 32.47
CA LYS A 67 -17.00 -12.11 32.22
C LYS A 67 -16.94 -11.56 30.79
N THR A 68 -16.44 -12.38 29.85
CA THR A 68 -16.29 -12.02 28.44
C THR A 68 -17.20 -12.94 27.62
N PHE A 69 -17.56 -12.52 26.42
CA PHE A 69 -18.12 -13.47 25.46
C PHE A 69 -17.04 -14.09 24.60
N LYS A 70 -17.15 -15.41 24.42
CA LYS A 70 -16.22 -16.19 23.60
C LYS A 70 -16.92 -16.90 22.44
N PRO A 71 -16.19 -17.13 21.34
CA PRO A 71 -16.71 -17.96 20.25
C PRO A 71 -16.84 -19.41 20.66
N THR A 72 -17.90 -20.05 20.18
CA THR A 72 -17.96 -21.50 20.28
C THR A 72 -17.00 -22.17 19.32
N LYS A 73 -16.69 -23.43 19.62
CA LYS A 73 -15.83 -24.29 18.81
C LYS A 73 -16.34 -24.43 17.39
N GLY A 74 -17.65 -24.25 17.21
CA GLY A 74 -18.39 -24.39 15.99
C GLY A 74 -18.61 -23.08 15.27
N MET A 75 -17.87 -22.05 15.64
CA MET A 75 -18.10 -20.72 15.12
C MET A 75 -18.10 -20.73 13.60
N LYS A 76 -19.19 -20.25 13.04
CA LYS A 76 -19.30 -20.09 11.60
C LYS A 76 -19.72 -18.64 11.55
N PRO A 77 -18.89 -17.74 11.04
CA PRO A 77 -19.30 -16.34 10.92
C PRO A 77 -20.57 -16.24 10.08
N SER A 78 -21.57 -15.51 10.59
CA SER A 78 -22.80 -15.36 9.84
C SER A 78 -22.99 -13.96 9.28
N PHE A 79 -22.30 -12.97 9.81
CA PHE A 79 -22.36 -11.60 9.37
C PHE A 79 -21.03 -11.12 8.79
N LEU A 80 -19.92 -11.53 9.40
CA LEU A 80 -18.56 -11.24 8.97
C LEU A 80 -18.06 -12.23 7.91
N LYS A 81 -17.72 -11.73 6.72
CA LYS A 81 -16.85 -12.46 5.78
C LYS A 81 -15.39 -12.42 6.24
N VAL A 82 -14.94 -13.50 6.89
CA VAL A 82 -13.56 -13.61 7.33
C VAL A 82 -12.63 -13.57 6.13
N SER A 83 -11.59 -12.75 6.20
CA SER A 83 -10.56 -12.72 5.16
C SER A 83 -9.23 -12.29 5.76
N ALA A 84 -8.22 -13.17 5.69
CA ALA A 84 -6.88 -12.76 6.09
C ALA A 84 -6.33 -11.65 5.21
N ASP A 85 -6.50 -11.78 3.88
CA ASP A 85 -5.96 -10.77 2.98
C ASP A 85 -6.57 -9.41 3.19
N ARG A 86 -7.87 -9.33 3.46
CA ARG A 86 -8.46 -8.04 3.78
C ARG A 86 -7.89 -7.43 5.04
N LEU A 87 -7.75 -8.22 6.09
CA LEU A 87 -7.17 -7.71 7.32
C LEU A 87 -5.73 -7.26 7.14
N LEU A 88 -4.89 -8.13 6.55
CA LEU A 88 -3.48 -7.79 6.34
C LEU A 88 -3.30 -6.56 5.47
N LEU A 89 -4.16 -6.42 4.48
CA LEU A 89 -4.22 -5.24 3.64
C LEU A 89 -4.63 -3.99 4.42
N GLN A 90 -5.59 -4.16 5.31
CA GLN A 90 -6.06 -3.11 6.21
C GLN A 90 -4.98 -2.61 7.17
N LEU A 91 -4.13 -3.52 7.68
CA LEU A 91 -2.99 -3.14 8.53
C LEU A 91 -1.99 -2.25 7.80
N ARG A 92 -1.69 -2.58 6.55
CA ARG A 92 -0.84 -1.75 5.71
C ARG A 92 -1.38 -0.34 5.56
N ALA A 93 -2.69 -0.19 5.37
CA ALA A 93 -3.26 1.16 5.30
C ALA A 93 -3.04 1.92 6.60
N LEU A 94 -3.07 1.24 7.74
CA LEU A 94 -2.73 1.86 9.03
C LEU A 94 -1.26 2.25 9.10
N LEU A 95 -0.37 1.34 8.72
CA LEU A 95 1.07 1.61 8.78
C LEU A 95 1.45 2.80 7.91
N THR A 96 0.78 3.00 6.79
CA THR A 96 1.04 4.17 5.97
C THR A 96 0.27 5.40 6.46
N GLY A 97 -0.55 5.24 7.49
CA GLY A 97 -1.40 6.31 7.99
C GLY A 97 -2.62 6.59 7.16
N ALA A 98 -2.85 5.84 6.09
CA ALA A 98 -4.03 6.00 5.25
C ALA A 98 -5.31 5.57 5.94
N LEU A 99 -5.23 4.69 6.94
CA LEU A 99 -6.36 4.24 7.73
C LEU A 99 -6.12 4.51 9.21
N PRO A 100 -7.00 5.23 9.89
CA PRO A 100 -6.78 5.52 11.31
C PRO A 100 -6.96 4.30 12.20
N ARG A 101 -6.24 4.32 13.32
CA ARG A 101 -6.26 3.24 14.30
C ARG A 101 -7.68 2.86 14.73
N LYS A 102 -8.59 3.82 14.79
CA LYS A 102 -9.97 3.56 15.19
C LYS A 102 -10.71 2.64 14.22
N GLU A 103 -10.24 2.49 12.99
CA GLU A 103 -10.92 1.60 12.06
C GLU A 103 -10.34 0.19 12.14
N ILE A 104 -9.30 -0.02 12.93
CA ILE A 104 -8.72 -1.34 13.13
C ILE A 104 -9.27 -1.84 14.46
N TRP A 105 -9.94 -3.00 14.42
CA TRP A 105 -10.68 -3.54 15.54
C TRP A 105 -9.86 -4.29 16.57
N PHE A 106 -8.57 -4.53 16.35
CA PHE A 106 -7.75 -5.08 17.43
C PHE A 106 -7.78 -4.25 18.69
N ARG A 107 -7.94 -4.97 19.79
CA ARG A 107 -7.69 -4.40 21.10
C ARG A 107 -6.20 -4.22 21.29
N GLU A 108 -5.44 -5.29 21.09
CA GLU A 108 -3.99 -5.20 21.12
C GLU A 108 -3.45 -5.33 19.71
N MET A 109 -2.69 -4.35 19.25
CA MET A 109 -2.07 -4.45 17.92
C MET A 109 -0.90 -5.46 17.99
N PRO A 110 -0.78 -6.39 17.04
CA PRO A 110 0.48 -7.19 16.88
C PRO A 110 1.66 -6.25 16.56
N PRO A 111 2.86 -6.54 17.11
CA PRO A 111 4.11 -5.85 16.71
C PRO A 111 4.32 -6.02 15.23
N MET A 112 4.57 -4.93 14.52
CA MET A 112 4.73 -4.95 13.06
C MET A 112 5.55 -3.81 12.50
N ASP A 113 6.05 -4.02 11.28
CA ASP A 113 6.73 -2.98 10.53
C ASP A 113 6.52 -3.25 9.07
N MET A 114 6.91 -2.30 8.26
CA MET A 114 6.85 -2.39 6.82
C MET A 114 8.07 -1.70 6.29
N ALA A 115 8.42 -2.08 5.09
CA ALA A 115 9.36 -1.33 4.31
C ALA A 115 9.11 0.14 3.99
N PRO A 116 10.03 0.99 4.41
CA PRO A 116 9.85 2.44 4.32
C PRO A 116 9.55 2.80 2.87
N ASP A 117 8.59 3.68 2.65
CA ASP A 117 8.43 4.27 1.32
C ASP A 117 9.37 5.46 1.13
N ILE A 118 10.21 5.37 0.09
CA ILE A 118 11.31 6.31 -0.11
C ILE A 118 10.82 7.61 -0.74
N VAL A 119 10.12 7.51 -1.86
CA VAL A 119 9.57 8.70 -2.47
C VAL A 119 8.51 9.28 -1.54
N ARG A 120 8.52 10.59 -1.38
CA ARG A 120 7.50 11.29 -0.61
C ARG A 120 7.64 12.78 -0.92
N ASN A 121 6.94 13.59 -0.12
CA ASN A 121 7.08 15.04 -0.15
C ASN A 121 6.65 15.61 -1.50
N VAL A 122 5.47 15.18 -1.97
CA VAL A 122 4.89 15.75 -3.17
C VAL A 122 4.27 17.10 -2.81
N ASP A 123 4.51 18.09 -3.68
CA ASP A 123 3.92 19.41 -3.52
C ASP A 123 2.42 19.40 -3.73
N PRO A 124 1.64 19.93 -2.79
CA PRO A 124 0.17 19.91 -2.95
C PRO A 124 -0.34 20.72 -4.12
N GLU A 125 0.31 21.84 -4.41
CA GLU A 125 -0.09 22.68 -5.54
C GLU A 125 0.23 22.01 -6.85
N CYS A 126 1.38 21.34 -6.92
CA CYS A 126 1.67 20.51 -8.08
C CYS A 126 0.59 19.47 -8.30
N LEU A 127 0.25 18.72 -7.25
CA LEU A 127 -0.79 17.70 -7.39
C LEU A 127 -2.14 18.34 -7.69
N ARG A 128 -2.42 19.49 -7.07
CA ARG A 128 -3.67 20.17 -7.36
C ARG A 128 -3.77 20.52 -8.84
N LEU A 129 -2.72 21.13 -9.39
CA LEU A 129 -2.75 21.50 -10.80
C LEU A 129 -2.81 20.30 -11.72
N VAL A 130 -2.11 19.21 -11.36
CA VAL A 130 -2.23 17.99 -12.15
C VAL A 130 -3.66 17.46 -12.11
N LEU A 131 -4.27 17.38 -10.91
CA LEU A 131 -5.63 16.88 -10.77
C LEU A 131 -6.65 17.74 -11.52
N GLU A 132 -6.48 19.06 -11.49
CA GLU A 132 -7.36 19.92 -12.28
C GLU A 132 -7.25 19.64 -13.79
N ALA A 133 -6.02 19.47 -14.29
CA ALA A 133 -5.85 19.17 -15.71
C ALA A 133 -6.52 17.87 -16.13
N ILE A 134 -6.36 16.82 -15.33
CA ILE A 134 -7.06 15.56 -15.60
C ILE A 134 -8.57 15.80 -15.63
N ARG A 135 -9.11 16.43 -14.57
CA ARG A 135 -10.54 16.62 -14.42
C ARG A 135 -11.12 17.45 -15.58
N LEU A 136 -10.42 18.50 -16.01
CA LEU A 136 -10.90 19.39 -17.06
C LEU A 136 -10.50 18.98 -18.46
N LYS A 137 -9.77 17.86 -18.60
CA LYS A 137 -9.19 17.43 -19.86
C LYS A 137 -8.40 18.56 -20.53
N ARG A 138 -7.55 19.20 -19.74
CA ARG A 138 -6.67 20.32 -20.12
C ARG A 138 -5.21 19.92 -20.03
N SER A 139 -4.35 20.72 -20.69
CA SER A 139 -2.91 20.64 -20.49
C SER A 139 -2.42 21.40 -19.27
N VAL A 140 -1.17 21.13 -18.91
CA VAL A 140 -0.35 21.93 -18.01
C VAL A 140 1.01 22.12 -18.66
N GLU A 141 1.59 23.31 -18.50
CA GLU A 141 3.00 23.50 -18.83
C GLU A 141 3.87 23.09 -17.65
N VAL A 142 4.81 22.19 -17.91
CA VAL A 142 5.74 21.68 -16.90
C VAL A 142 7.18 21.83 -17.36
N ARG A 143 8.04 22.21 -16.42
CA ARG A 143 9.47 21.98 -16.55
C ARG A 143 9.74 20.58 -16.02
N TYR A 144 10.07 19.65 -16.90
CA TYR A 144 10.19 18.26 -16.53
C TYR A 144 11.63 17.82 -16.70
N GLN A 145 12.19 17.27 -15.63
CA GLN A 145 13.48 16.60 -15.67
C GLN A 145 13.26 15.16 -16.07
N SER A 146 13.50 14.84 -17.33
CA SER A 146 13.60 13.45 -17.74
C SER A 146 14.98 12.90 -17.43
N LEU A 147 15.13 11.60 -17.67
CA LEU A 147 16.42 10.93 -17.61
C LEU A 147 17.35 11.40 -18.71
N THR A 148 16.83 12.09 -19.73
CA THR A 148 17.64 12.49 -20.86
C THR A 148 17.82 14.01 -20.98
N ASN A 149 16.90 14.82 -20.46
CA ASN A 149 17.08 16.26 -20.45
C ASN A 149 16.06 16.91 -19.53
N SER A 150 16.36 18.13 -19.08
CA SER A 150 15.38 19.04 -18.54
C SER A 150 14.88 19.95 -19.64
N ARG A 151 13.57 20.03 -19.80
CA ARG A 151 12.99 20.98 -20.73
C ARG A 151 11.59 21.34 -20.28
N VAL A 152 11.14 22.52 -20.70
CA VAL A 152 9.75 22.89 -20.57
C VAL A 152 8.95 22.17 -21.64
N ARG A 153 7.80 21.65 -21.23
CA ARG A 153 6.91 20.88 -22.10
C ARG A 153 5.48 21.15 -21.67
N GLU A 154 4.57 21.07 -22.62
CA GLU A 154 3.16 21.03 -22.32
C GLU A 154 2.69 19.56 -22.35
N ILE A 155 1.97 19.12 -21.30
CA ILE A 155 1.42 17.76 -21.23
C ILE A 155 -0.04 17.85 -20.82
N ALA A 156 -0.84 16.91 -21.31
CA ALA A 156 -2.25 16.75 -20.92
C ALA A 156 -2.47 15.45 -20.14
N PRO A 157 -2.45 15.51 -18.80
CA PRO A 157 -2.71 14.34 -17.96
C PRO A 157 -4.06 13.69 -18.19
N HIS A 158 -4.10 12.36 -18.20
CA HIS A 158 -5.38 11.67 -18.22
C HIS A 158 -5.53 10.64 -17.09
N ALA A 159 -4.46 10.11 -16.49
CA ALA A 159 -4.63 9.20 -15.37
C ALA A 159 -3.43 9.27 -14.43
N LEU A 160 -3.59 8.76 -13.21
CA LEU A 160 -2.50 8.50 -12.28
C LEU A 160 -2.18 7.02 -12.17
N ALA A 161 -0.91 6.68 -12.12
CA ALA A 161 -0.50 5.30 -11.97
C ALA A 161 0.56 5.24 -10.88
N PHE A 162 0.41 4.29 -9.96
CA PHE A 162 1.40 4.03 -8.92
C PHE A 162 2.10 2.70 -9.22
N ASP A 163 3.40 2.75 -9.48
CA ASP A 163 4.15 1.55 -9.89
C ASP A 163 4.50 0.64 -8.72
N GLY A 164 4.20 1.04 -7.49
CA GLY A 164 4.66 0.36 -6.30
C GLY A 164 5.67 1.17 -5.52
N TYR A 165 6.34 2.13 -6.16
CA TYR A 165 7.31 2.98 -5.47
C TYR A 165 7.00 4.45 -5.65
N ARG A 166 6.71 4.85 -6.89
CA ARG A 166 6.53 6.24 -7.27
C ARG A 166 5.21 6.42 -8.00
N TRP A 167 4.64 7.62 -7.91
CA TRP A 167 3.50 7.95 -8.77
C TRP A 167 3.95 8.60 -10.06
N HIS A 168 3.34 8.21 -11.16
CA HIS A 168 3.59 8.86 -12.44
C HIS A 168 2.22 9.33 -12.90
N VAL A 169 2.22 10.35 -13.72
CA VAL A 169 1.07 10.72 -14.53
C VAL A 169 1.17 10.19 -15.96
N ARG A 170 0.10 9.53 -16.40
CA ARG A 170 -0.06 9.12 -17.79
C ARG A 170 -0.67 10.29 -18.55
N ALA A 171 0.03 10.74 -19.60
CA ALA A 171 -0.32 11.99 -20.26
C ALA A 171 -0.03 11.95 -21.76
N TRP A 172 -0.83 12.73 -22.49
CA TRP A 172 -0.51 13.22 -23.83
C TRP A 172 0.67 14.18 -23.79
N ALA A 173 1.71 13.86 -24.55
CA ALA A 173 2.86 14.74 -24.76
C ALA A 173 2.56 15.63 -25.96
N CYS A 174 2.16 16.89 -25.71
CA CYS A 174 1.70 17.82 -26.74
C CYS A 174 2.75 18.10 -27.81
N ASP A 175 4.01 17.95 -27.49
CA ASP A 175 5.10 18.18 -28.42
C ASP A 175 5.45 16.94 -29.23
N ARG A 176 4.76 15.81 -29.03
CA ARG A 176 5.11 14.57 -29.69
C ARG A 176 3.94 13.83 -30.31
N ASP A 177 2.72 14.26 -30.02
CA ASP A 177 1.48 13.63 -30.44
C ASP A 177 1.50 12.14 -30.10
N ASP A 178 1.89 11.83 -28.87
CA ASP A 178 1.86 10.47 -28.33
C ASP A 178 1.57 10.52 -26.84
N PHE A 179 1.24 9.38 -26.29
CA PHE A 179 1.08 9.20 -24.86
C PHE A 179 2.36 8.69 -24.18
N ARG A 180 2.65 9.20 -22.98
CA ARG A 180 3.84 8.81 -22.23
C ARG A 180 3.61 9.03 -20.73
N ASP A 181 4.51 8.46 -19.92
CA ASP A 181 4.45 8.61 -18.46
C ASP A 181 5.36 9.71 -17.97
N PHE A 182 4.87 10.50 -17.03
CA PHE A 182 5.71 11.51 -16.42
C PHE A 182 5.73 11.29 -14.91
N VAL A 183 6.92 11.06 -14.35
CA VAL A 183 7.06 10.89 -12.90
C VAL A 183 6.67 12.19 -12.21
N LEU A 184 5.72 12.10 -11.29
CA LEU A 184 5.21 13.30 -10.63
C LEU A 184 6.32 14.07 -9.92
N THR A 185 7.24 13.38 -9.26
CA THR A 185 8.34 14.02 -8.53
C THR A 185 9.40 14.64 -9.45
N ARG A 186 9.34 14.40 -10.75
CA ARG A 186 10.25 14.99 -11.72
C ARG A 186 9.69 16.24 -12.38
N ILE A 187 8.46 16.60 -12.08
CA ILE A 187 7.89 17.89 -12.44
C ILE A 187 8.41 18.95 -11.48
N ASP A 188 9.18 19.90 -12.00
CA ASP A 188 9.84 20.87 -11.13
C ASP A 188 9.18 22.25 -11.14
N ASP A 189 8.43 22.57 -12.19
CA ASP A 189 7.60 23.75 -12.24
C ASP A 189 6.35 23.32 -13.00
N ILE A 190 5.21 23.86 -12.60
CA ILE A 190 3.94 23.52 -13.22
C ILE A 190 3.06 24.77 -13.21
N LYS A 191 2.42 25.01 -14.36
CA LYS A 191 1.49 26.07 -14.70
C LYS A 191 0.33 25.48 -15.45
N PRO A 192 -0.89 26.02 -15.25
CA PRO A 192 -2.03 25.67 -16.12
C PRO A 192 -1.77 25.89 -17.60
N GLY A 193 -2.09 24.92 -18.47
CA GLY A 193 -1.93 25.09 -19.90
C GLY A 193 -3.23 25.41 -20.63
N SER A 194 -3.22 25.21 -21.95
CA SER A 194 -4.28 25.39 -22.95
C SER A 194 -5.10 24.10 -23.14
N LEU A 195 -6.05 24.16 -24.09
CA LEU A 195 -6.71 22.96 -24.62
C LEU A 195 -5.85 22.07 -25.51
N ALA A 196 -5.78 20.79 -25.17
CA ALA A 196 -5.11 19.79 -25.99
C ALA A 196 -6.21 19.05 -26.73
N ASN A 197 -6.05 18.82 -28.03
CA ASN A 197 -6.98 17.95 -28.78
C ASN A 197 -6.50 16.50 -28.75
N TYR A 198 -7.04 15.68 -27.83
CA TYR A 198 -6.72 14.27 -27.76
C TYR A 198 -7.91 13.52 -27.18
N ASP A 199 -7.94 12.21 -27.43
CA ASP A 199 -8.91 11.33 -26.81
C ASP A 199 -8.13 10.25 -26.08
N PRO A 200 -8.30 10.12 -24.76
CA PRO A 200 -7.70 9.01 -24.01
C PRO A 200 -7.96 7.61 -24.55
N GLU A 201 -9.01 7.39 -25.33
CA GLU A 201 -9.22 6.05 -25.90
C GLU A 201 -8.17 5.69 -26.92
N ASP A 202 -7.42 6.68 -27.42
CA ASP A 202 -6.28 6.48 -28.29
C ASP A 202 -5.04 5.97 -27.59
N ASP A 203 -4.98 5.99 -26.27
CA ASP A 203 -3.82 5.48 -25.55
C ASP A 203 -3.91 3.96 -25.40
N VAL A 204 -3.58 3.28 -26.50
CA VAL A 204 -3.74 1.83 -26.58
C VAL A 204 -2.82 1.10 -25.61
N GLU A 205 -1.68 1.69 -25.27
CA GLU A 205 -0.82 1.15 -24.24
C GLU A 205 -1.44 1.24 -22.83
N TRP A 206 -2.32 2.22 -22.59
CA TRP A 206 -3.04 2.32 -21.32
C TRP A 206 -4.26 1.42 -21.22
N THR A 207 -5.07 1.36 -22.28
CA THR A 207 -6.35 0.65 -22.30
C THR A 207 -6.24 -0.86 -22.49
N THR A 208 -5.13 -1.34 -23.02
CA THR A 208 -4.98 -2.77 -23.24
C THR A 208 -4.53 -3.45 -21.97
N VAL A 209 -5.26 -4.49 -21.62
CA VAL A 209 -4.90 -5.36 -20.51
C VAL A 209 -4.32 -6.62 -21.09
N VAL A 210 -3.24 -7.08 -20.46
CA VAL A 210 -2.60 -8.34 -20.82
C VAL A 210 -2.45 -9.18 -19.57
N THR A 211 -2.35 -10.50 -19.79
CA THR A 211 -2.12 -11.48 -18.75
C THR A 211 -0.64 -11.83 -18.67
N LEU A 212 -0.05 -11.62 -17.52
CA LEU A 212 1.30 -12.11 -17.27
C LEU A 212 1.22 -13.60 -16.94
N ASP A 213 2.10 -14.39 -17.56
CA ASP A 213 2.26 -15.81 -17.25
C ASP A 213 3.48 -16.00 -16.38
N LEU A 214 3.27 -15.97 -15.07
CA LEU A 214 4.34 -16.12 -14.08
C LEU A 214 4.51 -17.60 -13.74
N ARG A 215 5.75 -18.05 -13.72
CA ARG A 215 6.10 -19.42 -13.39
C ARG A 215 7.31 -19.38 -12.47
N PRO A 216 7.57 -20.47 -11.74
CA PRO A 216 8.87 -20.58 -11.05
C PRO A 216 10.00 -20.43 -12.04
N HIS A 217 11.11 -19.87 -11.55
CA HIS A 217 12.28 -19.77 -12.39
C HIS A 217 12.70 -21.16 -12.81
N PRO A 218 12.97 -21.40 -14.09
CA PRO A 218 13.16 -22.77 -14.54
C PRO A 218 14.38 -23.41 -13.90
N GLY A 219 15.33 -22.60 -13.46
CA GLY A 219 16.46 -23.13 -12.74
C GLY A 219 16.21 -23.40 -11.28
N LEU A 220 14.98 -23.28 -10.80
CA LEU A 220 14.76 -23.65 -9.42
C LEU A 220 14.62 -25.17 -9.33
N THR A 221 15.10 -25.73 -8.22
CA THR A 221 14.79 -27.07 -7.75
C THR A 221 13.33 -27.22 -7.36
N GLU A 222 12.90 -28.49 -7.25
CA GLU A 222 11.54 -28.76 -6.83
C GLU A 222 11.25 -28.13 -5.47
N GLU A 223 12.19 -28.27 -4.54
CA GLU A 223 12.00 -27.67 -3.23
C GLU A 223 11.91 -26.16 -3.32
N GLN A 224 12.75 -25.56 -4.16
CA GLN A 224 12.65 -24.13 -4.41
C GLN A 224 11.34 -23.78 -5.14
N ALA A 225 11.02 -24.54 -6.19
CA ALA A 225 9.80 -24.33 -6.96
C ALA A 225 8.51 -24.48 -6.14
N LEU A 226 8.46 -25.47 -5.25
CA LEU A 226 7.30 -25.61 -4.37
C LEU A 226 7.10 -24.41 -3.45
N ALA A 227 8.19 -23.86 -2.90
CA ALA A 227 8.07 -22.65 -2.08
C ALA A 227 7.58 -21.45 -2.88
N ILE A 228 8.10 -21.26 -4.10
CA ILE A 228 7.66 -20.16 -4.95
C ILE A 228 6.21 -20.32 -5.36
N GLN A 229 5.80 -21.54 -5.71
CA GLN A 229 4.40 -21.77 -6.05
C GLN A 229 3.45 -21.43 -4.89
N ARG A 230 3.83 -21.75 -3.66
CA ARG A 230 2.99 -21.40 -2.51
C ARG A 230 2.92 -19.89 -2.20
N ASP A 231 4.06 -19.17 -2.21
CA ASP A 231 3.98 -17.73 -1.91
C ASP A 231 3.04 -17.02 -2.87
N TYR A 232 3.07 -17.38 -4.16
CA TYR A 232 2.35 -16.62 -5.18
C TYR A 232 1.10 -17.38 -5.62
N SER A 233 0.65 -18.34 -4.81
CA SER A 233 -0.60 -19.05 -5.06
C SER A 233 -0.71 -19.57 -6.49
N MET A 234 0.33 -20.23 -6.97
CA MET A 234 0.24 -20.78 -8.31
C MET A 234 -0.59 -22.06 -8.34
N SER A 235 -1.38 -22.17 -9.39
CA SER A 235 -2.16 -23.34 -9.76
C SER A 235 -1.61 -23.85 -11.08
N ASP A 236 -1.44 -25.16 -11.18
CA ASP A 236 -0.86 -25.79 -12.36
C ASP A 236 0.48 -25.16 -12.72
N GLY A 237 1.29 -24.86 -11.70
CA GLY A 237 2.62 -24.33 -11.90
C GLY A 237 2.72 -22.90 -12.38
N MET A 238 1.61 -22.16 -12.45
CA MET A 238 1.64 -20.78 -12.89
C MET A 238 0.65 -19.94 -12.10
N ARG A 239 0.82 -18.63 -12.22
CA ARG A 239 -0.17 -17.65 -11.78
C ARG A 239 -0.30 -16.64 -12.91
N LYS A 240 -1.53 -16.48 -13.36
CA LYS A 240 -1.91 -15.49 -14.35
C LYS A 240 -2.37 -14.21 -13.67
N ILE A 241 -1.83 -13.08 -14.13
CA ILE A 241 -2.17 -11.77 -13.59
C ILE A 241 -2.38 -10.82 -14.76
N ASP A 242 -3.58 -10.25 -14.82
CA ASP A 242 -3.96 -9.22 -15.78
C ASP A 242 -3.45 -7.86 -15.37
N VAL A 243 -2.86 -7.14 -16.32
CA VAL A 243 -2.23 -5.85 -16.09
C VAL A 243 -2.37 -5.03 -17.36
N ARG A 244 -2.52 -3.71 -17.20
CA ARG A 244 -2.38 -2.81 -18.33
C ARG A 244 -0.98 -2.91 -18.91
N LEU A 245 -0.87 -2.83 -20.24
CA LEU A 245 0.45 -2.85 -20.87
C LEU A 245 1.38 -1.77 -20.32
N SER A 246 0.85 -0.57 -20.06
CA SER A 246 1.65 0.47 -19.41
C SER A 246 2.21 0.02 -18.07
N MET A 247 1.42 -0.71 -17.27
CA MET A 247 1.92 -1.17 -15.97
C MET A 247 2.77 -2.43 -16.09
N ALA A 248 2.56 -3.23 -17.13
CA ALA A 248 3.38 -4.42 -17.32
C ALA A 248 4.85 -4.08 -17.40
N TYR A 249 5.18 -2.98 -18.08
CA TYR A 249 6.55 -2.51 -18.11
C TYR A 249 7.12 -2.31 -16.71
N TYR A 250 6.41 -1.56 -15.88
CA TYR A 250 6.89 -1.30 -14.51
C TYR A 250 7.00 -2.58 -13.70
N PHE A 251 6.01 -3.45 -13.84
CA PHE A 251 6.04 -4.72 -13.14
C PHE A 251 7.22 -5.59 -13.60
N ILE A 252 7.42 -5.70 -14.92
CA ILE A 252 8.56 -6.48 -15.43
C ILE A 252 9.88 -5.94 -14.90
N MET A 253 10.11 -4.63 -15.04
CA MET A 253 11.36 -4.04 -14.58
C MET A 253 11.50 -4.15 -13.08
N ARG A 254 10.41 -3.89 -12.35
CA ARG A 254 10.49 -3.94 -10.90
C ARG A 254 10.83 -5.34 -10.43
N MET A 255 10.29 -6.36 -11.08
CA MET A 255 10.56 -7.74 -10.68
C MET A 255 11.82 -8.28 -11.34
N ASN A 256 12.56 -7.44 -12.07
CA ASN A 256 13.77 -7.83 -12.78
C ASN A 256 13.57 -9.00 -13.74
N LEU A 257 12.36 -9.13 -14.28
CA LEU A 257 12.07 -10.23 -15.19
C LEU A 257 12.72 -9.99 -16.54
N ASP A 258 13.27 -8.79 -16.75
CA ASP A 258 14.09 -8.46 -17.91
C ASP A 258 15.52 -8.94 -17.77
N LEU A 259 15.96 -9.31 -16.58
CA LEU A 259 17.35 -9.65 -16.34
C LEU A 259 17.43 -11.16 -16.47
N GLU A 260 18.06 -11.61 -17.55
CA GLU A 260 18.08 -13.02 -17.89
C GLU A 260 19.15 -13.79 -17.13
N ASP A 261 20.24 -13.12 -16.77
CA ASP A 261 21.43 -13.72 -16.18
C ASP A 261 21.39 -13.78 -14.65
N LEU A 262 20.25 -13.47 -14.03
CA LEU A 262 20.16 -13.51 -12.58
C LEU A 262 20.21 -14.93 -12.04
N PRO A 263 20.92 -15.15 -10.93
CA PRO A 263 20.86 -16.43 -10.24
C PRO A 263 19.43 -16.83 -9.93
N PRO A 264 19.12 -18.12 -10.07
CA PRO A 264 17.75 -18.61 -9.86
C PRO A 264 17.07 -18.21 -8.56
N ALA A 265 17.79 -18.20 -7.44
CA ALA A 265 17.19 -17.82 -6.15
C ALA A 265 16.78 -16.36 -6.04
N ARG A 266 17.31 -15.46 -6.84
CA ARG A 266 16.86 -14.08 -6.75
C ARG A 266 15.67 -13.78 -7.63
N ALA A 267 15.62 -14.38 -8.81
CA ALA A 267 14.45 -14.19 -9.66
C ALA A 267 13.22 -14.88 -9.09
N GLN A 268 13.34 -16.13 -8.62
CA GLN A 268 12.18 -16.86 -8.11
C GLN A 268 11.12 -17.11 -9.18
N LEU A 269 10.87 -16.11 -10.01
CA LEU A 269 9.85 -16.17 -11.05
C LEU A 269 10.50 -16.06 -12.42
N SER A 270 9.77 -16.53 -13.41
CA SER A 270 10.07 -16.24 -14.80
C SER A 270 8.76 -15.78 -15.41
N LEU A 271 8.86 -14.93 -16.42
CA LEU A 271 7.69 -14.52 -17.18
C LEU A 271 7.74 -15.28 -18.49
N HIS A 272 6.90 -16.32 -18.57
CA HIS A 272 6.96 -17.26 -19.66
C HIS A 272 6.64 -16.61 -21.00
N ASN A 273 5.75 -15.63 -21.01
CA ASN A 273 5.32 -14.92 -22.20
C ASN A 273 5.94 -13.53 -22.36
N ILE A 274 7.12 -13.30 -21.79
CA ILE A 274 7.74 -11.97 -21.83
C ILE A 274 7.91 -11.46 -23.27
N SER A 275 8.20 -12.35 -24.22
CA SER A 275 8.35 -11.93 -25.62
C SER A 275 7.05 -11.37 -26.19
N ASP A 276 5.92 -11.99 -25.89
CA ASP A 276 4.66 -11.46 -26.40
C ASP A 276 4.33 -10.11 -25.79
N ILE A 277 4.57 -9.95 -24.49
CA ILE A 277 4.34 -8.66 -23.84
C ILE A 277 5.19 -7.56 -24.46
N ARG A 278 6.48 -7.83 -24.69
CA ARG A 278 7.35 -6.85 -25.35
C ARG A 278 6.86 -6.52 -26.76
N LYS A 279 6.43 -7.54 -27.49
CA LYS A 279 5.85 -7.33 -28.81
C LYS A 279 4.57 -6.51 -28.73
N SER A 280 3.66 -6.86 -27.80
CA SER A 280 2.41 -6.14 -27.62
C SER A 280 2.60 -4.67 -27.26
N ILE A 281 3.62 -4.35 -26.45
CA ILE A 281 3.94 -2.94 -26.18
C ILE A 281 4.28 -2.21 -27.47
N SER A 282 5.09 -2.82 -28.32
CA SER A 282 5.47 -2.18 -29.57
C SER A 282 4.24 -1.98 -30.47
N GLU A 283 3.38 -3.00 -30.53
CA GLU A 283 2.15 -2.89 -31.30
C GLU A 283 1.22 -1.81 -30.74
N ALA A 284 1.06 -1.74 -29.42
CA ALA A 284 0.23 -0.70 -28.82
C ALA A 284 0.70 0.71 -29.16
N LYS A 285 2.01 0.97 -29.08
CA LYS A 285 2.48 2.29 -29.50
C LYS A 285 2.15 2.57 -30.97
N SER A 286 2.30 1.58 -31.84
CA SER A 286 2.01 1.76 -33.25
C SER A 286 0.53 1.94 -33.51
N GLU A 287 -0.29 1.15 -32.82
CA GLU A 287 -1.73 1.28 -32.98
C GLU A 287 -2.22 2.63 -32.46
N SER A 288 -1.69 3.06 -31.33
CA SER A 288 -2.01 4.39 -30.84
C SER A 288 -1.75 5.47 -31.87
N LYS A 289 -0.56 5.46 -32.48
CA LYS A 289 -0.24 6.43 -33.52
C LYS A 289 -1.26 6.40 -34.65
N ARG A 290 -1.65 5.21 -35.09
CA ARG A 290 -2.66 5.12 -36.13
C ARG A 290 -3.98 5.74 -35.68
N ARG A 291 -4.41 5.49 -34.44
CA ARG A 291 -5.66 6.09 -33.99
C ARG A 291 -5.55 7.61 -33.88
N ILE A 292 -4.46 8.10 -33.30
CA ILE A 292 -4.21 9.54 -33.24
C ILE A 292 -4.32 10.20 -34.62
N ILE A 293 -3.58 9.67 -35.60
CA ILE A 293 -3.62 10.28 -36.93
C ILE A 293 -5.02 10.22 -37.53
N ALA A 294 -5.71 9.11 -37.33
CA ALA A 294 -7.06 9.02 -37.88
C ALA A 294 -8.02 9.99 -37.24
N ARG A 295 -7.84 10.29 -35.96
CA ARG A 295 -8.68 11.29 -35.31
C ARG A 295 -8.32 12.70 -35.75
N GLN A 296 -7.03 13.04 -35.71
CA GLN A 296 -6.60 14.35 -36.16
C GLN A 296 -6.98 14.63 -37.62
N ASN A 297 -7.11 13.59 -38.44
CA ASN A 297 -7.55 13.77 -39.82
C ASN A 297 -9.06 13.85 -39.97
N LYS A 298 -9.81 13.60 -38.91
CA LYS A 298 -11.25 13.70 -38.97
C LYS A 298 -11.72 15.06 -38.49
N PRO B 9 -18.77 23.28 17.62
CA PRO B 9 -18.44 21.87 17.84
C PRO B 9 -17.33 21.37 16.92
N TRP B 10 -16.57 20.37 17.38
CA TRP B 10 -15.64 19.67 16.51
C TRP B 10 -16.38 19.01 15.35
N MET B 11 -17.69 18.82 15.50
CA MET B 11 -18.52 18.26 14.44
C MET B 11 -18.50 19.18 13.22
N GLN B 12 -18.61 20.49 13.47
CA GLN B 12 -18.65 21.52 12.44
C GLN B 12 -17.29 21.77 11.80
N ASN B 13 -16.22 21.72 12.60
CA ASN B 13 -14.87 21.86 12.07
C ASN B 13 -14.59 20.80 11.03
N ARG B 14 -15.08 19.59 11.22
CA ARG B 14 -14.92 18.59 10.18
C ARG B 14 -15.64 19.01 8.90
N ARG B 15 -16.78 19.66 9.03
CA ARG B 15 -17.44 20.18 7.83
C ARG B 15 -16.67 21.34 7.19
N PHE B 16 -15.95 22.18 7.96
CA PHE B 16 -15.14 23.23 7.32
C PHE B 16 -13.88 22.71 6.63
N GLU B 17 -13.15 21.75 7.21
CA GLU B 17 -12.09 21.12 6.44
C GLU B 17 -12.64 20.50 5.15
N PHE B 18 -13.81 19.90 5.21
CA PHE B 18 -14.41 19.35 4.00
C PHE B 18 -14.67 20.45 2.97
N ILE B 19 -15.24 21.56 3.40
CA ILE B 19 -15.43 22.68 2.49
C ILE B 19 -14.11 23.03 1.81
N GLU B 20 -13.06 23.23 2.60
CA GLU B 20 -11.77 23.61 2.03
C GLU B 20 -11.11 22.51 1.20
N TRP B 21 -11.33 21.26 1.55
CA TRP B 21 -10.81 20.18 0.72
C TRP B 21 -11.44 20.20 -0.67
N LYS B 22 -12.76 20.41 -0.73
CA LYS B 22 -13.45 20.46 -2.01
C LYS B 22 -12.98 21.65 -2.83
N LEU B 23 -12.88 22.82 -2.20
CA LEU B 23 -12.38 24.00 -2.91
C LEU B 23 -10.96 23.78 -3.42
N PHE B 24 -10.11 23.15 -2.62
CA PHE B 24 -8.72 22.97 -3.03
C PHE B 24 -8.51 21.88 -4.06
N TRP B 25 -8.93 20.65 -3.76
CA TRP B 25 -8.57 19.56 -4.66
C TRP B 25 -9.48 19.46 -5.88
N GLU B 26 -10.76 19.75 -5.72
CA GLU B 26 -11.70 19.69 -6.83
C GLU B 26 -12.04 21.05 -7.44
N GLY B 27 -11.65 22.16 -6.80
CA GLY B 27 -11.96 23.50 -7.28
C GLY B 27 -13.40 23.95 -7.20
N ALA B 28 -14.29 23.15 -6.62
CA ALA B 28 -15.71 23.50 -6.52
C ALA B 28 -16.32 22.73 -5.35
N LEU B 29 -17.40 23.32 -4.81
CA LEU B 29 -18.22 22.76 -3.75
C LEU B 29 -19.68 22.95 -4.13
N ASN B 30 -20.48 21.88 -4.07
CA ASN B 30 -21.94 22.01 -4.18
C ASN B 30 -22.56 22.06 -2.78
N ARG B 31 -23.74 22.67 -2.69
CA ARG B 31 -24.54 22.61 -1.47
C ARG B 31 -24.85 21.18 -1.09
N SER B 32 -25.17 20.39 -2.09
CA SER B 32 -25.49 18.98 -1.92
C SER B 32 -24.31 18.20 -1.33
N ASP B 33 -23.08 18.63 -1.60
CA ASP B 33 -21.94 17.93 -0.99
C ASP B 33 -21.99 17.90 0.54
N LEU B 34 -22.29 19.03 1.19
CA LEU B 34 -22.37 18.97 2.65
C LEU B 34 -23.57 18.13 3.09
N GLU B 35 -24.71 18.36 2.46
CA GLU B 35 -25.91 17.63 2.79
C GLU B 35 -25.73 16.14 2.56
N GLU B 36 -25.17 15.77 1.40
CA GLU B 36 -24.99 14.34 1.12
C GLU B 36 -23.89 13.72 1.97
N THR B 37 -22.76 14.41 2.10
CA THR B 37 -21.63 13.81 2.83
C THR B 37 -21.88 13.74 4.34
N PHE B 38 -22.53 14.75 4.91
CA PHE B 38 -22.74 14.80 6.36
C PHE B 38 -24.18 14.60 6.80
N GLU B 39 -25.10 14.34 5.88
CA GLU B 39 -26.52 14.18 6.20
C GLU B 39 -27.11 15.34 7.02
N ILE B 40 -26.79 16.57 6.61
CA ILE B 40 -27.27 17.77 7.29
C ILE B 40 -28.36 18.41 6.44
N SER B 41 -29.23 19.17 7.10
CA SER B 41 -30.31 19.88 6.43
C SER B 41 -29.80 21.14 5.74
N THR B 42 -30.55 21.57 4.73
CA THR B 42 -30.27 22.84 4.05
C THR B 42 -30.19 24.06 4.97
N PRO B 43 -31.02 24.19 6.02
CA PRO B 43 -30.77 25.25 7.01
C PRO B 43 -29.39 25.18 7.65
N GLN B 44 -28.95 23.98 8.03
CA GLN B 44 -27.63 23.83 8.63
C GLN B 44 -26.54 24.18 7.63
N THR B 45 -26.71 23.74 6.38
CA THR B 45 -25.79 24.11 5.31
C THR B 45 -25.67 25.62 5.16
N SER B 46 -26.78 26.34 5.30
CA SER B 46 -26.74 27.79 5.22
C SER B 46 -25.95 28.40 6.36
N ILE B 47 -26.08 27.80 7.54
CA ILE B 47 -25.28 28.23 8.68
C ILE B 47 -23.80 27.97 8.44
N ASP B 48 -23.47 26.78 7.93
CA ASP B 48 -22.07 26.42 7.73
C ASP B 48 -21.40 27.26 6.66
N LEU B 49 -22.07 27.51 5.53
CA LEU B 49 -21.52 28.38 4.49
C LEU B 49 -21.34 29.80 4.98
N ARG B 50 -22.29 30.27 5.80
CA ARG B 50 -22.17 31.59 6.41
C ARG B 50 -21.02 31.68 7.38
N ARG B 51 -20.93 30.75 8.32
CA ARG B 51 -19.84 30.80 9.28
C ARG B 51 -18.48 30.56 8.62
N TYR B 52 -18.41 29.72 7.59
CA TYR B 52 -17.15 29.58 6.85
C TYR B 52 -16.73 30.89 6.19
N ARG B 53 -17.64 31.55 5.47
CA ARG B 53 -17.29 32.85 4.88
C ARG B 53 -16.90 33.85 5.97
N GLU B 54 -17.60 33.82 7.10
CA GLU B 54 -17.21 34.70 8.21
C GLU B 54 -15.80 34.39 8.72
N LEU B 55 -15.36 33.13 8.68
CA LEU B 55 -14.07 32.78 9.28
C LEU B 55 -12.94 32.70 8.25
N ALA B 56 -13.27 32.37 7.01
CA ALA B 56 -12.38 32.22 5.87
C ALA B 56 -12.46 33.40 4.90
N GLY B 57 -13.39 34.31 5.15
CA GLY B 57 -13.62 35.45 4.30
C GLY B 57 -14.26 35.03 2.98
N ASP B 58 -14.63 36.05 2.22
CA ASP B 58 -15.40 35.87 1.00
C ASP B 58 -14.46 35.55 -0.13
N ASN B 59 -13.66 34.52 0.09
CA ASN B 59 -12.69 34.03 -0.87
C ASN B 59 -13.31 33.01 -1.83
N ILE B 60 -14.66 33.02 -1.93
CA ILE B 60 -15.47 32.01 -2.58
C ILE B 60 -16.61 32.72 -3.30
N GLU B 61 -17.13 32.10 -4.36
CA GLU B 61 -18.30 32.63 -5.07
C GLU B 61 -19.19 31.50 -5.55
N TYR B 62 -20.47 31.82 -5.76
CA TYR B 62 -21.46 30.86 -6.27
C TYR B 62 -21.80 31.00 -7.74
N ASP B 63 -21.51 29.94 -8.49
CA ASP B 63 -21.90 29.76 -9.90
C ASP B 63 -23.27 29.08 -10.06
N ALA B 64 -24.25 29.83 -10.54
CA ALA B 64 -25.58 29.25 -10.75
C ALA B 64 -25.60 28.24 -11.91
N THR B 65 -24.66 28.34 -12.86
CA THR B 65 -24.61 27.42 -14.00
C THR B 65 -24.21 26.00 -13.60
N ASP B 66 -23.11 25.85 -12.89
CA ASP B 66 -22.61 24.56 -12.45
C ASP B 66 -23.26 24.11 -11.15
N LYS B 67 -24.04 24.99 -10.52
CA LYS B 67 -24.63 24.79 -9.20
C LYS B 67 -23.58 24.53 -8.12
N THR B 68 -22.38 25.07 -8.32
CA THR B 68 -21.24 24.91 -7.42
C THR B 68 -20.82 26.28 -6.88
N PHE B 69 -20.14 26.29 -5.74
CA PHE B 69 -19.37 27.46 -5.33
C PHE B 69 -17.95 27.30 -5.85
N LYS B 70 -17.38 28.35 -6.43
CA LYS B 70 -16.00 28.19 -6.89
C LYS B 70 -15.12 29.19 -6.15
N PRO B 71 -13.84 28.93 -5.87
CA PRO B 71 -13.04 30.05 -5.35
C PRO B 71 -12.77 31.10 -6.42
N THR B 72 -12.89 32.37 -5.99
CA THR B 72 -12.46 33.57 -6.69
C THR B 72 -10.95 33.86 -6.67
N LYS B 73 -10.34 33.93 -5.49
CA LYS B 73 -8.90 34.20 -5.42
C LYS B 73 -8.02 32.97 -5.20
N GLY B 74 -6.93 33.12 -4.43
CA GLY B 74 -6.01 32.05 -4.20
C GLY B 74 -6.25 31.36 -2.89
N MET B 75 -6.45 30.04 -2.96
CA MET B 75 -6.84 29.24 -1.81
C MET B 75 -5.86 29.38 -0.65
N LYS B 76 -6.40 29.73 0.52
CA LYS B 76 -5.61 29.82 1.75
C LYS B 76 -6.32 28.93 2.77
N PRO B 77 -6.05 27.62 2.74
CA PRO B 77 -6.65 26.72 3.74
C PRO B 77 -6.32 27.17 5.14
N SER B 78 -7.36 27.30 5.95
CA SER B 78 -7.22 27.70 7.33
C SER B 78 -7.53 26.58 8.30
N PHE B 79 -8.27 25.57 7.86
CA PHE B 79 -8.67 24.44 8.68
C PHE B 79 -8.05 23.14 8.21
N LEU B 80 -7.96 22.98 6.90
CA LEU B 80 -7.37 21.82 6.25
C LEU B 80 -5.86 22.00 6.16
N LYS B 81 -5.12 21.10 6.80
CA LYS B 81 -3.71 20.86 6.48
C LYS B 81 -3.64 20.10 5.17
N VAL B 82 -3.45 20.83 4.07
CA VAL B 82 -3.33 20.23 2.76
C VAL B 82 -2.13 19.29 2.70
N SER B 83 -2.33 18.10 2.17
CA SER B 83 -1.19 17.20 1.98
C SER B 83 -1.43 16.29 0.79
N ALA B 84 -0.58 16.43 -0.21
CA ALA B 84 -0.58 15.50 -1.32
C ALA B 84 -0.22 14.09 -0.88
N ASP B 85 0.82 13.96 -0.04
CA ASP B 85 1.26 12.63 0.35
C ASP B 85 0.19 11.88 1.09
N ARG B 86 -0.56 12.57 1.95
CA ARG B 86 -1.70 11.94 2.62
C ARG B 86 -2.78 11.51 1.64
N LEU B 87 -3.11 12.38 0.69
CA LEU B 87 -4.12 12.05 -0.31
C LEU B 87 -3.70 10.88 -1.21
N LEU B 88 -2.50 10.94 -1.80
CA LEU B 88 -2.07 9.86 -2.69
C LEU B 88 -2.00 8.52 -1.99
N LEU B 89 -1.56 8.55 -0.75
CA LEU B 89 -1.56 7.36 0.09
C LEU B 89 -2.97 6.87 0.38
N GLN B 90 -3.89 7.82 0.61
CA GLN B 90 -5.30 7.49 0.78
C GLN B 90 -5.87 6.82 -0.49
N LEU B 91 -5.46 7.31 -1.67
CA LEU B 91 -5.85 6.72 -2.95
C LEU B 91 -5.32 5.30 -3.10
N ARG B 92 -4.08 5.08 -2.68
CA ARG B 92 -3.50 3.74 -2.61
C ARG B 92 -4.32 2.82 -1.71
N ALA B 93 -4.77 3.33 -0.57
CA ALA B 93 -5.61 2.51 0.30
C ALA B 93 -6.93 2.12 -0.39
N LEU B 94 -7.46 3.02 -1.22
CA LEU B 94 -8.64 2.70 -2.02
C LEU B 94 -8.36 1.66 -3.09
N LEU B 95 -7.28 1.83 -3.83
CA LEU B 95 -6.95 0.89 -4.89
C LEU B 95 -6.76 -0.51 -4.34
N THR B 96 -6.22 -0.64 -3.13
CA THR B 96 -6.09 -1.96 -2.51
C THR B 96 -7.36 -2.42 -1.80
N GLY B 97 -8.41 -1.60 -1.75
CA GLY B 97 -9.64 -1.92 -1.04
C GLY B 97 -9.61 -1.79 0.47
N ALA B 98 -8.48 -1.39 1.06
CA ALA B 98 -8.41 -1.19 2.50
C ALA B 98 -9.21 0.00 2.98
N LEU B 99 -9.51 0.96 2.10
CA LEU B 99 -10.33 2.13 2.40
C LEU B 99 -11.51 2.23 1.46
N PRO B 100 -12.75 2.28 1.96
CA PRO B 100 -13.89 2.35 1.05
C PRO B 100 -14.06 3.71 0.38
N ARG B 101 -14.64 3.67 -0.83
CA ARG B 101 -14.90 4.85 -1.65
C ARG B 101 -15.65 5.96 -0.91
N LYS B 102 -16.54 5.59 0.01
CA LYS B 102 -17.31 6.58 0.74
C LYS B 102 -16.47 7.49 1.63
N GLU B 103 -15.24 7.08 1.95
CA GLU B 103 -14.35 7.87 2.78
C GLU B 103 -13.42 8.76 1.97
N ILE B 104 -13.47 8.69 0.64
CA ILE B 104 -12.66 9.54 -0.23
C ILE B 104 -13.59 10.63 -0.72
N TRP B 105 -13.20 11.88 -0.50
CA TRP B 105 -14.06 13.05 -0.73
C TRP B 105 -14.15 13.51 -2.18
N PHE B 106 -13.39 12.92 -3.10
CA PHE B 106 -13.64 13.21 -4.51
C PHE B 106 -15.08 12.94 -4.90
N ARG B 107 -15.67 13.87 -5.64
CA ARG B 107 -16.93 13.58 -6.29
C ARG B 107 -16.71 12.62 -7.44
N GLU B 108 -15.81 12.97 -8.36
CA GLU B 108 -15.39 12.10 -9.44
C GLU B 108 -13.95 11.65 -9.19
N MET B 109 -13.71 10.33 -9.17
CA MET B 109 -12.35 9.83 -8.99
C MET B 109 -11.53 10.09 -10.25
N PRO B 110 -10.31 10.59 -10.14
CA PRO B 110 -9.42 10.58 -11.26
C PRO B 110 -9.15 9.16 -11.72
N PRO B 111 -9.01 8.95 -13.04
CA PRO B 111 -8.54 7.66 -13.57
C PRO B 111 -7.20 7.28 -12.96
N MET B 112 -7.11 6.05 -12.48
CA MET B 112 -5.90 5.59 -11.82
C MET B 112 -5.73 4.09 -11.87
N ASP B 113 -4.48 3.66 -11.70
CA ASP B 113 -4.19 2.23 -11.56
C ASP B 113 -2.94 2.05 -10.72
N MET B 114 -2.69 0.79 -10.33
CA MET B 114 -1.51 0.46 -9.56
C MET B 114 -1.03 -0.92 -10.00
N ALA B 115 0.23 -1.19 -9.77
CA ALA B 115 0.79 -2.54 -9.82
C ALA B 115 0.18 -3.63 -8.94
N PRO B 116 -0.31 -4.72 -9.56
CA PRO B 116 -1.06 -5.78 -8.86
C PRO B 116 -0.28 -6.36 -7.68
N ASP B 117 -0.93 -6.60 -6.54
CA ASP B 117 -0.26 -7.43 -5.54
C ASP B 117 -0.47 -8.92 -5.83
N ILE B 118 0.63 -9.64 -6.01
CA ILE B 118 0.58 -11.02 -6.50
C ILE B 118 0.28 -11.99 -5.38
N VAL B 119 1.00 -11.86 -4.26
CA VAL B 119 0.70 -12.73 -3.13
C VAL B 119 -0.70 -12.41 -2.65
N ARG B 120 -1.44 -13.46 -2.37
CA ARG B 120 -2.78 -13.38 -1.81
C ARG B 120 -3.12 -14.77 -1.30
N ASN B 121 -4.38 -14.96 -0.94
CA ASN B 121 -4.92 -16.27 -0.60
C ASN B 121 -4.23 -16.83 0.63
N VAL B 122 -4.11 -16.00 1.66
CA VAL B 122 -3.62 -16.46 2.96
C VAL B 122 -4.75 -17.21 3.63
N ASP B 123 -4.45 -18.36 4.23
CA ASP B 123 -5.48 -19.05 4.98
C ASP B 123 -5.84 -18.23 6.22
N PRO B 124 -7.12 -17.91 6.41
CA PRO B 124 -7.52 -17.11 7.58
C PRO B 124 -7.27 -17.79 8.90
N GLU B 125 -7.41 -19.11 8.92
CA GLU B 125 -7.22 -19.89 10.13
C GLU B 125 -5.74 -19.95 10.52
N CYS B 126 -4.86 -20.06 9.52
CA CYS B 126 -3.42 -19.93 9.72
C CYS B 126 -3.04 -18.60 10.37
N LEU B 127 -3.55 -17.49 9.82
CA LEU B 127 -3.25 -16.19 10.40
C LEU B 127 -3.79 -16.08 11.82
N ARG B 128 -4.97 -16.65 12.05
CA ARG B 128 -5.55 -16.66 13.39
C ARG B 128 -4.61 -17.35 14.37
N LEU B 129 -4.13 -18.53 14.01
CA LEU B 129 -3.21 -19.25 14.90
C LEU B 129 -1.88 -18.52 15.05
N VAL B 130 -1.39 -17.91 13.97
CA VAL B 130 -0.18 -17.08 14.08
C VAL B 130 -0.42 -15.89 15.00
N LEU B 131 -1.52 -15.18 14.79
CA LEU B 131 -1.82 -14.02 15.63
C LEU B 131 -2.03 -14.42 17.09
N GLU B 132 -2.69 -15.56 17.33
CA GLU B 132 -2.83 -16.07 18.69
C GLU B 132 -1.49 -16.41 19.34
N ALA B 133 -0.59 -17.07 18.61
CA ALA B 133 0.72 -17.41 19.17
C ALA B 133 1.53 -16.16 19.52
N ILE B 134 1.50 -15.14 18.67
CA ILE B 134 2.14 -13.87 19.01
C ILE B 134 1.56 -13.28 20.29
N ARG B 135 0.23 -13.15 20.34
CA ARG B 135 -0.43 -12.51 21.48
C ARG B 135 -0.21 -13.26 22.79
N LEU B 136 -0.25 -14.58 22.77
CA LEU B 136 -0.11 -15.33 24.01
C LEU B 136 1.34 -15.68 24.30
N LYS B 137 2.23 -15.27 23.41
CA LYS B 137 3.65 -15.61 23.44
C LYS B 137 3.88 -17.11 23.60
N ARG B 138 3.17 -17.89 22.80
CA ARG B 138 3.26 -19.34 22.82
C ARG B 138 3.89 -19.77 21.51
N SER B 139 4.40 -20.99 21.49
CA SER B 139 4.78 -21.55 20.20
C SER B 139 3.58 -22.15 19.47
N VAL B 140 3.82 -22.40 18.18
CA VAL B 140 3.00 -23.27 17.36
C VAL B 140 3.96 -24.19 16.62
N GLU B 141 3.58 -25.45 16.44
CA GLU B 141 4.28 -26.31 15.50
C GLU B 141 3.66 -26.06 14.12
N VAL B 142 4.52 -25.74 13.15
CA VAL B 142 4.10 -25.45 11.77
C VAL B 142 4.85 -26.32 10.74
N ARG B 143 4.12 -26.77 9.72
CA ARG B 143 4.74 -27.23 8.47
C ARG B 143 5.00 -26.08 7.49
N TYR B 144 6.28 -25.75 7.33
CA TYR B 144 6.78 -24.63 6.56
C TYR B 144 7.62 -25.13 5.39
N GLN B 145 7.29 -24.67 4.18
CA GLN B 145 8.14 -24.87 3.01
C GLN B 145 9.12 -23.72 3.02
N SER B 146 10.34 -23.97 3.47
CA SER B 146 11.40 -22.99 3.27
C SER B 146 11.98 -23.10 1.86
N LEU B 147 12.87 -22.17 1.55
CA LEU B 147 13.66 -22.20 0.33
C LEU B 147 14.65 -23.35 0.32
N THR B 148 14.89 -24.01 1.45
CA THR B 148 15.93 -25.03 1.44
C THR B 148 15.36 -26.42 1.63
N ASN B 149 14.22 -26.52 2.31
CA ASN B 149 13.48 -27.78 2.49
C ASN B 149 12.11 -27.43 3.06
N SER B 150 11.16 -28.33 2.90
CA SER B 150 9.93 -28.36 3.69
C SER B 150 10.06 -29.27 4.92
N ARG B 151 9.72 -28.77 6.12
CA ARG B 151 9.70 -29.64 7.31
C ARG B 151 8.70 -29.07 8.29
N VAL B 152 8.22 -29.93 9.19
CA VAL B 152 7.46 -29.50 10.35
C VAL B 152 8.44 -28.89 11.35
N ARG B 153 8.03 -27.77 11.95
CA ARG B 153 8.83 -26.99 12.89
C ARG B 153 7.98 -26.34 13.97
N GLU B 154 8.60 -26.13 15.13
CA GLU B 154 8.05 -25.29 16.18
C GLU B 154 8.64 -23.89 16.06
N ILE B 155 7.77 -22.88 16.07
CA ILE B 155 8.21 -21.49 16.02
C ILE B 155 7.47 -20.70 17.10
N ALA B 156 8.13 -19.68 17.65
CA ALA B 156 7.47 -18.77 18.56
C ALA B 156 7.39 -17.39 17.92
N PRO B 157 6.28 -17.08 17.26
CA PRO B 157 6.07 -15.75 16.67
C PRO B 157 6.15 -14.58 17.65
N HIS B 158 6.79 -13.49 17.24
CA HIS B 158 6.71 -12.29 18.06
C HIS B 158 6.26 -11.04 17.28
N ALA B 159 6.43 -10.98 15.96
CA ALA B 159 5.94 -9.82 15.21
C ALA B 159 5.61 -10.24 13.78
N LEU B 160 4.85 -9.39 13.08
CA LEU B 160 4.66 -9.48 11.64
C LEU B 160 5.44 -8.40 10.88
N ALA B 161 6.02 -8.77 9.75
CA ALA B 161 6.75 -7.83 8.90
C ALA B 161 6.28 -7.99 7.45
N PHE B 162 5.99 -6.86 6.77
CA PHE B 162 5.65 -6.85 5.35
C PHE B 162 6.81 -6.23 4.56
N ASP B 163 7.42 -7.04 3.69
CA ASP B 163 8.62 -6.65 2.93
C ASP B 163 8.33 -5.74 1.75
N GLY B 164 7.07 -5.45 1.45
CA GLY B 164 6.71 -4.75 0.24
C GLY B 164 5.96 -5.63 -0.74
N TYR B 165 6.10 -6.95 -0.62
CA TYR B 165 5.39 -7.86 -1.51
C TYR B 165 4.57 -8.88 -0.74
N ARG B 166 5.18 -9.51 0.27
CA ARG B 166 4.63 -10.61 1.07
C ARG B 166 4.69 -10.30 2.56
N TRP B 167 3.76 -10.88 3.32
CA TRP B 167 3.87 -10.84 4.78
C TRP B 167 4.65 -12.02 5.33
N HIS B 168 5.52 -11.73 6.28
CA HIS B 168 6.27 -12.75 6.95
C HIS B 168 5.99 -12.62 8.46
N VAL B 169 6.13 -13.71 9.22
CA VAL B 169 6.24 -13.66 10.69
C VAL B 169 7.68 -13.76 11.17
N ARG B 170 8.06 -12.80 12.02
CA ARG B 170 9.34 -12.82 12.73
C ARG B 170 9.14 -13.65 13.99
N ALA B 171 9.93 -14.69 14.13
CA ALA B 171 9.64 -15.67 15.16
C ALA B 171 10.94 -16.23 15.69
N TRP B 172 10.87 -16.65 16.95
CA TRP B 172 11.80 -17.59 17.53
C TRP B 172 11.71 -18.96 16.87
N ALA B 173 12.82 -19.42 16.32
CA ALA B 173 12.95 -20.79 15.82
C ALA B 173 13.42 -21.62 17.00
N CYS B 174 12.49 -22.34 17.63
CA CYS B 174 12.81 -23.04 18.87
C CYS B 174 13.91 -24.09 18.70
N ASP B 175 14.08 -24.63 17.49
CA ASP B 175 15.14 -25.62 17.25
C ASP B 175 16.45 -24.97 16.83
N ARG B 176 16.42 -24.07 15.82
CA ARG B 176 17.68 -23.49 15.34
C ARG B 176 18.32 -22.62 16.40
N ASP B 177 17.61 -22.38 17.50
CA ASP B 177 18.01 -21.49 18.59
C ASP B 177 18.45 -20.14 18.04
N ASP B 178 17.64 -19.60 17.13
CA ASP B 178 17.77 -18.26 16.59
C ASP B 178 16.39 -17.69 16.27
N PHE B 179 16.36 -16.37 16.04
CA PHE B 179 15.20 -15.64 15.54
C PHE B 179 15.30 -15.57 14.02
N ARG B 180 14.16 -15.70 13.32
CA ARG B 180 14.13 -15.68 11.84
C ARG B 180 12.75 -15.27 11.34
N ASP B 181 12.69 -14.96 10.03
CA ASP B 181 11.46 -14.56 9.34
C ASP B 181 10.84 -15.78 8.68
N PHE B 182 9.52 -15.89 8.76
CA PHE B 182 8.80 -16.98 8.10
C PHE B 182 7.75 -16.42 7.14
N VAL B 183 7.85 -16.76 5.85
CA VAL B 183 6.85 -16.30 4.89
C VAL B 183 5.51 -16.89 5.28
N LEU B 184 4.52 -16.03 5.49
CA LEU B 184 3.21 -16.49 5.97
C LEU B 184 2.58 -17.52 5.03
N THR B 185 2.70 -17.29 3.73
CA THR B 185 2.12 -18.18 2.72
C THR B 185 2.84 -19.52 2.61
N ARG B 186 3.97 -19.70 3.26
CA ARG B 186 4.71 -20.96 3.24
C ARG B 186 4.42 -21.87 4.43
N ILE B 187 3.64 -21.40 5.41
CA ILE B 187 3.12 -22.25 6.48
C ILE B 187 1.95 -23.06 5.93
N ASP B 188 2.10 -24.38 5.87
CA ASP B 188 1.11 -25.25 5.24
C ASP B 188 0.26 -26.04 6.21
N ASP B 189 0.76 -26.24 7.43
CA ASP B 189 0.02 -26.83 8.53
C ASP B 189 0.48 -26.11 9.78
N ILE B 190 -0.43 -25.92 10.71
CA ILE B 190 -0.12 -25.21 11.94
C ILE B 190 -0.91 -25.78 13.09
N LYS B 191 -0.24 -25.98 14.24
CA LYS B 191 -0.93 -26.47 15.42
C LYS B 191 -0.48 -25.63 16.61
N PRO B 192 -1.38 -25.33 17.55
CA PRO B 192 -0.99 -24.70 18.82
C PRO B 192 0.06 -25.41 19.67
N GLY B 193 1.08 -24.64 20.10
CA GLY B 193 2.11 -25.14 20.98
C GLY B 193 1.93 -24.64 22.41
N SER B 194 3.02 -24.74 23.19
CA SER B 194 3.14 -24.30 24.57
C SER B 194 3.70 -22.87 24.66
N LEU B 195 3.89 -22.39 25.89
CA LEU B 195 4.72 -21.21 26.15
C LEU B 195 6.20 -21.52 25.94
N ALA B 196 6.84 -20.69 25.13
CA ALA B 196 8.27 -20.72 24.83
C ALA B 196 9.00 -19.68 25.67
N ASN B 197 10.16 -20.08 26.20
CA ASN B 197 11.07 -19.16 26.90
C ASN B 197 11.98 -18.50 25.88
N TYR B 198 11.59 -17.29 25.49
CA TYR B 198 12.30 -16.40 24.58
C TYR B 198 11.94 -14.97 24.95
N ASP B 199 12.80 -14.04 24.53
CA ASP B 199 12.54 -12.61 24.68
C ASP B 199 12.62 -11.96 23.30
N PRO B 200 11.55 -11.32 22.81
CA PRO B 200 11.65 -10.56 21.56
C PRO B 200 12.79 -9.53 21.54
N GLU B 201 13.21 -9.05 22.70
CA GLU B 201 14.32 -8.12 22.80
C GLU B 201 15.68 -8.76 22.51
N ASP B 202 15.76 -10.09 22.54
CA ASP B 202 16.99 -10.78 22.13
C ASP B 202 17.19 -10.78 20.62
N ASP B 203 16.17 -10.46 19.84
CA ASP B 203 16.32 -10.39 18.39
C ASP B 203 16.87 -9.01 18.02
N VAL B 204 18.17 -8.86 18.21
CA VAL B 204 18.82 -7.57 18.04
C VAL B 204 18.72 -7.12 16.59
N GLU B 205 18.59 -8.07 15.67
CA GLU B 205 18.32 -7.73 14.27
C GLU B 205 16.95 -7.12 14.09
N TRP B 206 15.99 -7.43 14.98
CA TRP B 206 14.69 -6.77 14.93
C TRP B 206 14.75 -5.43 15.61
N THR B 207 15.44 -5.36 16.74
CA THR B 207 15.46 -4.17 17.58
C THR B 207 16.45 -3.12 17.07
N THR B 208 17.42 -3.52 16.26
CA THR B 208 18.36 -2.55 15.73
C THR B 208 17.80 -1.87 14.50
N VAL B 209 17.79 -0.55 14.54
CA VAL B 209 17.45 0.28 13.39
C VAL B 209 18.75 0.85 12.87
N VAL B 210 18.90 0.86 11.55
CA VAL B 210 20.07 1.48 10.92
C VAL B 210 19.58 2.45 9.85
N THR B 211 20.42 3.41 9.54
CA THR B 211 20.16 4.37 8.49
C THR B 211 20.88 3.92 7.23
N LEU B 212 20.12 3.70 6.17
CA LEU B 212 20.69 3.48 4.86
C LEU B 212 21.08 4.81 4.25
N ASP B 213 22.29 4.88 3.70
CA ASP B 213 22.76 6.05 2.94
C ASP B 213 22.65 5.75 1.45
N LEU B 214 21.50 6.12 0.88
CA LEU B 214 21.19 5.92 -0.53
C LEU B 214 21.65 7.14 -1.33
N ARG B 215 22.29 6.90 -2.45
CA ARG B 215 22.77 7.96 -3.33
C ARG B 215 22.44 7.54 -4.75
N PRO B 216 22.40 8.49 -5.68
CA PRO B 216 22.33 8.09 -7.09
C PRO B 216 23.47 7.17 -7.44
N HIS B 217 23.19 6.25 -8.35
CA HIS B 217 24.25 5.39 -8.83
C HIS B 217 25.32 6.25 -9.50
N PRO B 218 26.60 6.07 -9.18
CA PRO B 218 27.61 7.01 -9.67
C PRO B 218 27.76 7.02 -11.18
N GLY B 219 27.37 5.94 -11.85
CA GLY B 219 27.39 5.86 -13.30
C GLY B 219 26.25 6.54 -14.02
N LEU B 220 25.40 7.27 -13.32
CA LEU B 220 24.37 8.02 -14.01
C LEU B 220 25.01 9.29 -14.54
N THR B 221 24.52 9.76 -15.69
CA THR B 221 24.85 11.11 -16.08
C THR B 221 24.28 12.12 -15.10
N GLU B 222 24.80 13.34 -15.18
CA GLU B 222 24.29 14.39 -14.31
C GLU B 222 22.80 14.57 -14.55
N GLU B 223 22.40 14.59 -15.82
CA GLU B 223 21.00 14.72 -16.15
C GLU B 223 20.18 13.53 -15.64
N GLN B 224 20.72 12.31 -15.77
CA GLN B 224 20.06 11.16 -15.18
C GLN B 224 20.06 11.27 -13.65
N ALA B 225 21.21 11.62 -13.08
CA ALA B 225 21.34 11.77 -11.63
C ALA B 225 20.41 12.83 -11.08
N LEU B 226 20.24 13.94 -11.80
CA LEU B 226 19.28 14.96 -11.37
C LEU B 226 17.85 14.44 -11.31
N ALA B 227 17.44 13.64 -12.29
CA ALA B 227 16.10 13.04 -12.24
C ALA B 227 15.94 12.06 -11.08
N ILE B 228 16.95 11.22 -10.84
CA ILE B 228 16.90 10.29 -9.71
C ILE B 228 16.92 11.02 -8.38
N GLN B 229 17.72 12.07 -8.27
CA GLN B 229 17.71 12.87 -7.05
C GLN B 229 16.34 13.47 -6.78
N ARG B 230 15.66 13.95 -7.84
CA ARG B 230 14.30 14.45 -7.69
C ARG B 230 13.27 13.38 -7.36
N ASP B 231 13.27 12.24 -8.05
CA ASP B 231 12.28 11.20 -7.76
C ASP B 231 12.31 10.76 -6.30
N TYR B 232 13.50 10.60 -5.71
CA TYR B 232 13.59 10.00 -4.38
C TYR B 232 13.89 11.06 -3.33
N SER B 233 13.63 12.33 -3.65
CA SER B 233 13.76 13.42 -2.70
C SER B 233 15.08 13.39 -1.94
N MET B 234 16.17 13.27 -2.69
CA MET B 234 17.46 13.30 -2.03
C MET B 234 17.80 14.72 -1.67
N SER B 235 18.41 14.86 -0.51
CA SER B 235 18.94 16.11 -0.03
C SER B 235 20.45 15.98 0.05
N ASP B 236 21.13 17.03 -0.42
CA ASP B 236 22.58 17.07 -0.50
C ASP B 236 23.13 15.86 -1.24
N GLY B 237 22.45 15.46 -2.32
CA GLY B 237 22.98 14.36 -3.10
C GLY B 237 22.84 12.99 -2.47
N MET B 238 22.13 12.87 -1.35
CA MET B 238 21.97 11.60 -0.66
C MET B 238 20.56 11.47 -0.11
N ARG B 239 20.19 10.24 0.28
CA ARG B 239 18.97 10.01 1.05
C ARG B 239 19.21 9.05 2.21
N LYS B 240 18.87 9.50 3.42
CA LYS B 240 18.88 8.68 4.62
C LYS B 240 17.51 8.07 4.94
N ILE B 241 17.48 6.75 5.19
CA ILE B 241 16.24 6.04 5.53
C ILE B 241 16.52 5.08 6.68
N ASP B 242 15.81 5.23 7.80
CA ASP B 242 15.92 4.30 8.92
C ASP B 242 15.11 3.01 8.72
N VAL B 243 15.74 1.87 8.98
CA VAL B 243 15.15 0.55 8.77
C VAL B 243 15.73 -0.44 9.78
N ARG B 244 14.93 -1.39 10.21
CA ARG B 244 15.44 -2.54 10.97
C ARG B 244 16.43 -3.36 10.15
N LEU B 245 17.49 -3.84 10.81
CA LEU B 245 18.47 -4.70 10.12
C LEU B 245 17.82 -5.92 9.48
N SER B 246 16.87 -6.54 10.17
CA SER B 246 16.10 -7.63 9.58
C SER B 246 15.40 -7.21 8.29
N MET B 247 14.84 -6.00 8.30
CA MET B 247 14.14 -5.48 7.14
C MET B 247 15.07 -4.91 6.08
N ALA B 248 16.27 -4.49 6.50
CA ALA B 248 17.26 -3.96 5.56
C ALA B 248 17.65 -4.97 4.48
N TYR B 249 17.77 -6.25 4.83
CA TYR B 249 18.04 -7.27 3.82
C TYR B 249 16.99 -7.24 2.72
N TYR B 250 15.71 -7.29 3.10
CA TYR B 250 14.64 -7.27 2.11
C TYR B 250 14.66 -6.01 1.28
N PHE B 251 14.92 -4.88 1.93
CA PHE B 251 15.00 -3.61 1.22
C PHE B 251 16.14 -3.63 0.20
N ILE B 252 17.32 -4.11 0.61
CA ILE B 252 18.46 -4.22 -0.31
C ILE B 252 18.10 -5.07 -1.52
N MET B 253 17.55 -6.25 -1.29
CA MET B 253 17.19 -7.13 -2.41
C MET B 253 16.12 -6.53 -3.28
N ARG B 254 15.11 -5.91 -2.66
CA ARG B 254 14.05 -5.33 -3.45
C ARG B 254 14.59 -4.23 -4.35
N MET B 255 15.51 -3.42 -3.85
CA MET B 255 16.10 -2.34 -4.62
C MET B 255 17.31 -2.76 -5.45
N ASN B 256 17.69 -4.04 -5.47
CA ASN B 256 18.87 -4.53 -6.20
C ASN B 256 20.16 -3.81 -5.81
N LEU B 257 20.25 -3.32 -4.56
CA LEU B 257 21.46 -2.59 -4.18
C LEU B 257 22.66 -3.49 -3.97
N ASP B 258 22.44 -4.80 -3.95
CA ASP B 258 23.46 -5.83 -3.96
C ASP B 258 24.03 -6.15 -5.34
N LEU B 259 23.37 -5.74 -6.43
CA LEU B 259 23.76 -6.10 -7.79
C LEU B 259 24.63 -5.02 -8.41
N GLU B 260 25.91 -5.34 -8.56
CA GLU B 260 26.90 -4.38 -9.01
C GLU B 260 26.93 -4.24 -10.53
N ASP B 261 26.59 -5.28 -11.26
CA ASP B 261 26.73 -5.27 -12.70
C ASP B 261 25.51 -4.74 -13.42
N LEU B 262 24.53 -4.21 -12.69
CA LEU B 262 23.35 -3.65 -13.32
C LEU B 262 23.64 -2.31 -13.99
N PRO B 263 23.09 -2.06 -15.16
CA PRO B 263 23.17 -0.72 -15.74
C PRO B 263 22.64 0.32 -14.78
N PRO B 264 23.28 1.47 -14.72
CA PRO B 264 22.88 2.54 -13.79
C PRO B 264 21.42 2.91 -13.88
N ALA B 265 20.88 2.95 -15.09
CA ALA B 265 19.48 3.28 -15.30
C ALA B 265 18.54 2.23 -14.71
N ARG B 266 19.00 1.00 -14.50
CA ARG B 266 18.11 0.03 -13.87
C ARG B 266 18.23 0.09 -12.35
N ALA B 267 19.46 0.27 -11.84
CA ALA B 267 19.68 0.44 -10.41
C ALA B 267 19.20 1.79 -9.91
N GLN B 268 19.53 2.88 -10.61
CA GLN B 268 19.17 4.23 -10.21
C GLN B 268 19.82 4.62 -8.88
N LEU B 269 19.86 3.73 -7.90
CA LEU B 269 20.40 4.03 -6.59
C LEU B 269 21.63 3.17 -6.32
N SER B 270 22.45 3.64 -5.41
CA SER B 270 23.51 2.86 -4.80
C SER B 270 23.41 3.04 -3.29
N LEU B 271 23.83 2.02 -2.56
CA LEU B 271 23.90 2.08 -1.11
C LEU B 271 25.33 2.28 -0.61
N HIS B 272 25.62 3.52 -0.22
CA HIS B 272 26.98 3.92 0.10
C HIS B 272 27.57 3.19 1.29
N ASN B 273 26.74 2.85 2.28
CA ASN B 273 27.22 2.16 3.48
C ASN B 273 26.87 0.68 3.50
N ILE B 274 26.72 0.06 2.33
CA ILE B 274 26.30 -1.34 2.26
C ILE B 274 27.25 -2.24 3.06
N SER B 275 28.54 -1.94 3.06
CA SER B 275 29.49 -2.72 3.84
C SER B 275 29.21 -2.62 5.34
N ASP B 276 28.89 -1.42 5.82
CA ASP B 276 28.60 -1.24 7.24
C ASP B 276 27.31 -1.94 7.64
N ILE B 277 26.28 -1.85 6.79
CA ILE B 277 25.05 -2.56 7.06
C ILE B 277 25.31 -4.07 7.14
N ARG B 278 26.08 -4.59 6.18
CA ARG B 278 26.45 -6.00 6.23
C ARG B 278 27.21 -6.32 7.51
N LYS B 279 28.11 -5.42 7.92
CA LYS B 279 28.80 -5.59 9.19
C LYS B 279 27.81 -5.57 10.35
N SER B 280 26.92 -4.58 10.37
CA SER B 280 25.91 -4.49 11.42
C SER B 280 25.01 -5.72 11.49
N ILE B 281 24.63 -6.29 10.33
CA ILE B 281 23.86 -7.53 10.32
C ILE B 281 24.61 -8.69 10.98
N SER B 282 25.89 -8.85 10.64
CA SER B 282 26.66 -9.96 11.21
C SER B 282 26.86 -9.84 12.72
N GLU B 283 27.18 -8.64 13.20
CA GLU B 283 27.35 -8.48 14.64
C GLU B 283 26.05 -8.73 15.40
N ALA B 284 24.93 -8.18 14.92
CA ALA B 284 23.66 -8.43 15.59
C ALA B 284 23.28 -9.91 15.63
N LYS B 285 23.42 -10.62 14.49
CA LYS B 285 23.16 -12.06 14.49
C LYS B 285 24.03 -12.84 15.47
N SER B 286 25.32 -12.50 15.56
CA SER B 286 26.20 -13.22 16.47
C SER B 286 25.89 -12.90 17.93
N GLU B 287 25.61 -11.64 18.23
CA GLU B 287 25.23 -11.23 19.58
C GLU B 287 23.90 -11.82 20.02
N SER B 288 22.91 -11.81 19.13
CA SER B 288 21.63 -12.47 19.44
C SER B 288 21.85 -13.91 19.87
N LYS B 289 22.62 -14.67 19.09
CA LYS B 289 22.93 -16.06 19.45
C LYS B 289 23.58 -16.14 20.83
N ARG B 290 24.51 -15.24 21.13
CA ARG B 290 25.14 -15.24 22.44
C ARG B 290 24.12 -15.00 23.56
N ARG B 291 23.19 -14.06 23.34
CA ARG B 291 22.15 -13.75 24.32
C ARG B 291 21.23 -14.94 24.53
N ILE B 292 20.84 -15.59 23.44
CA ILE B 292 20.05 -16.81 23.48
C ILE B 292 20.69 -17.82 24.44
N ILE B 293 21.99 -18.06 24.26
CA ILE B 293 22.73 -19.01 25.09
C ILE B 293 22.68 -18.66 26.58
N ALA B 294 22.76 -17.37 26.95
CA ALA B 294 22.71 -17.04 28.37
C ALA B 294 21.36 -17.39 29.00
N ARG B 295 20.29 -17.30 28.23
CA ARG B 295 18.97 -17.74 28.70
C ARG B 295 18.91 -19.27 28.71
N GLN B 296 19.40 -19.90 27.63
CA GLN B 296 19.47 -21.35 27.53
C GLN B 296 20.23 -21.98 28.69
N ASN B 297 21.16 -21.24 29.31
CA ASN B 297 21.84 -21.79 30.47
C ASN B 297 21.00 -21.64 31.74
N LYS B 298 19.90 -20.91 31.66
CA LYS B 298 18.99 -20.76 32.81
C LYS B 298 17.85 -21.76 32.72
S SO4 E . -16.74 6.90 -8.80
O1 SO4 E . -18.18 7.12 -9.10
O2 SO4 E . -16.60 5.95 -7.64
O3 SO4 E . -16.06 6.35 -10.01
O4 SO4 E . -16.12 8.22 -8.49
#